data_6Z6R
#
_entry.id   6Z6R
#
_cell.length_a   49.852
_cell.length_b   90.590
_cell.length_c   122.361
_cell.angle_alpha   90.000
_cell.angle_beta   90.000
_cell.angle_gamma   90.000
#
_symmetry.space_group_name_H-M   'P 21 21 21'
#
loop_
_entity.id
_entity.type
_entity.pdbx_description
1 polymer 'Aspartyl/asparaginyl beta-hydroxylase'
2 polymer 'Coagulation factor X'
3 non-polymer 'MANGANESE (II) ION'
4 non-polymer 'BROMIDE ION'
5 non-polymer GLYCEROL
6 non-polymer N-oxalyl-alpha-methylalanine
7 water water
#
loop_
_entity_poly.entity_id
_entity_poly.type
_entity_poly.pdbx_seq_one_letter_code
_entity_poly.pdbx_strand_id
1 'polypeptide(L)'
;KPKLLNKFDKTIKAELDAAEKLRKRGKIEEAVNAFKELVRKYPQSPRARYGKAQCEDDLAEKRRSNEVLRGAIETYQEVA
SLPDVPADLLKLSLKRRSDRQQFLGHMRGSLLTLQRLVQLFPNDTSLKNDLGVGYLLIGDNDNAKKVYEEVLSVTPNDGF
AKVHYGFILKAQNKIAESIPYLKEGIESGDPGTDDGRFYFHLGDAMQRVGNKEAYKWYELGHKRGHFASVWQRSLYNVNG
LKAQPWWTPKETGYTELVKSLERNWKLIRDEGLAVMDKAKGLFLPEDENLREKGDWSQFTLWQQGRRNENACKGAPKTCT
LLEKFPETTGCRRGQIKYSIMHPGTHVWPHTGPTNCRLRMHLGLVIPKEGCKIRCANETKTWEEGKVLIFDDSFEHEVWQ
DASSFRLIFIVDVWHPELTPQQRRSLPAI
;
A
2 'polypeptide(L)' DGDQSETSPSQNQGKCKDGLGEYTCTSLEGFEGKNSELF B
#
loop_
_chem_comp.id
_chem_comp.type
_chem_comp.name
_chem_comp.formula
BR non-polymer 'BROMIDE ION' 'Br -1'
GOL non-polymer GLYCEROL 'C3 H8 O3'
MN non-polymer 'MANGANESE (II) ION' 'Mn 2'
UQK non-polymer N-oxalyl-alpha-methylalanine 'C6 H9 N O5'
#
# COMPACT_ATOMS: atom_id res chain seq x y z
N LYS A 1 -17.05 26.28 -16.46
CA LYS A 1 -17.22 25.51 -17.70
C LYS A 1 -18.50 24.64 -17.71
N PRO A 2 -18.60 23.67 -16.79
CA PRO A 2 -19.49 22.52 -17.03
C PRO A 2 -20.98 22.83 -16.95
N LYS A 3 -21.72 22.12 -17.80
CA LYS A 3 -23.15 22.33 -18.02
C LYS A 3 -23.90 21.21 -17.31
N LEU A 4 -24.44 21.54 -16.13
CA LEU A 4 -25.06 20.57 -15.24
C LEU A 4 -26.56 20.80 -15.10
N LEU A 5 -27.13 21.57 -16.00
CA LEU A 5 -28.53 21.91 -15.95
C LEU A 5 -29.20 21.46 -17.24
N ASN A 6 -30.13 20.51 -17.13
CA ASN A 6 -30.93 20.13 -18.27
C ASN A 6 -32.09 21.10 -18.45
N LYS A 7 -32.93 20.82 -19.45
CA LYS A 7 -34.03 21.73 -19.83
C LYS A 7 -34.85 22.12 -18.61
N PHE A 8 -35.31 21.15 -17.83
CA PHE A 8 -36.24 21.50 -16.78
C PHE A 8 -35.54 22.12 -15.58
N ASP A 9 -34.27 21.75 -15.34
CA ASP A 9 -33.52 22.31 -14.22
C ASP A 9 -33.29 23.80 -14.40
N LYS A 10 -33.23 24.27 -15.64
CA LYS A 10 -33.04 25.69 -15.89
C LYS A 10 -34.23 26.50 -15.41
N THR A 11 -35.45 25.97 -15.54
CA THR A 11 -36.63 26.69 -15.05
C THR A 11 -36.74 26.70 -13.52
N ILE A 12 -35.79 26.13 -12.84
CA ILE A 12 -35.76 26.21 -11.42
C ILE A 12 -34.35 26.50 -10.98
N LYS A 13 -33.61 27.27 -11.77
CA LYS A 13 -32.22 27.62 -11.50
C LYS A 13 -32.12 28.40 -10.21
N ALA A 14 -33.05 29.29 -10.01
CA ALA A 14 -33.10 30.08 -8.81
C ALA A 14 -33.09 29.21 -7.56
N GLU A 15 -34.10 28.36 -7.39
CA GLU A 15 -34.21 27.50 -6.21
C GLU A 15 -32.98 26.68 -5.98
N LEU A 16 -32.52 26.00 -7.01
CA LEU A 16 -31.33 25.17 -6.87
C LEU A 16 -30.14 26.00 -6.45
N ASP A 17 -29.99 27.22 -7.00
CA ASP A 17 -28.86 28.07 -6.66
C ASP A 17 -28.97 28.58 -5.23
N ALA A 18 -30.19 28.87 -4.78
CA ALA A 18 -30.41 29.29 -3.39
C ALA A 18 -29.90 28.24 -2.42
N ALA A 19 -30.28 26.98 -2.70
CA ALA A 19 -29.93 25.88 -1.82
C ALA A 19 -28.45 25.52 -1.93
N GLU A 20 -27.92 25.48 -3.16
CA GLU A 20 -26.48 25.38 -3.36
C GLU A 20 -25.74 26.41 -2.51
N LYS A 21 -26.22 27.66 -2.49
CA LYS A 21 -25.56 28.70 -1.70
C LYS A 21 -25.50 28.27 -0.26
N LEU A 22 -26.68 27.99 0.31
CA LEU A 22 -26.69 27.52 1.70
C LEU A 22 -25.60 26.49 1.92
N ARG A 23 -25.51 25.50 1.03
CA ARG A 23 -24.49 24.47 1.23
C ARG A 23 -23.09 25.06 1.13
N LYS A 24 -22.87 25.91 0.16
CA LYS A 24 -21.55 26.47 -0.19
C LYS A 24 -21.07 27.44 0.88
N ARG A 25 -21.98 27.96 1.70
CA ARG A 25 -21.61 28.88 2.77
C ARG A 25 -21.35 28.12 4.03
N GLY A 26 -21.47 26.82 4.02
CA GLY A 26 -21.19 26.09 5.20
C GLY A 26 -22.47 25.62 5.84
N LYS A 27 -23.63 26.19 5.53
CA LYS A 27 -24.74 25.63 6.27
C LYS A 27 -25.18 24.46 5.38
N ILE A 28 -24.88 23.33 6.01
CA ILE A 28 -24.97 22.02 5.44
C ILE A 28 -26.35 21.55 5.77
N GLU A 29 -26.67 21.50 7.05
CA GLU A 29 -27.98 21.09 7.51
C GLU A 29 -29.10 21.90 6.86
N GLU A 30 -28.95 23.21 6.73
CA GLU A 30 -29.92 24.00 6.04
C GLU A 30 -30.04 23.50 4.61
N ALA A 31 -28.92 23.45 3.90
CA ALA A 31 -28.92 23.03 2.50
C ALA A 31 -29.43 21.59 2.33
N VAL A 32 -29.12 20.69 3.26
CA VAL A 32 -29.54 19.31 3.10
C VAL A 32 -31.05 19.25 2.97
N ASN A 33 -31.75 19.93 3.88
CA ASN A 33 -33.20 19.82 3.82
C ASN A 33 -33.80 20.66 2.71
N ALA A 34 -33.14 21.73 2.30
CA ALA A 34 -33.63 22.46 1.12
C ALA A 34 -33.55 21.59 -0.13
N PHE A 35 -32.45 20.84 -0.30
CA PHE A 35 -32.37 19.97 -1.45
C PHE A 35 -33.36 18.83 -1.32
N LYS A 36 -33.63 18.37 -0.09
CA LYS A 36 -34.69 17.38 0.08
C LYS A 36 -36.04 17.92 -0.40
N GLU A 37 -36.36 19.17 -0.04
CA GLU A 37 -37.59 19.82 -0.52
C GLU A 37 -37.61 19.86 -2.05
N LEU A 38 -36.52 20.33 -2.66
CA LEU A 38 -36.42 20.29 -4.11
C LEU A 38 -36.72 18.90 -4.64
N VAL A 39 -36.16 17.86 -4.02
CA VAL A 39 -36.23 16.51 -4.56
C VAL A 39 -37.64 15.92 -4.45
N ARG A 40 -38.37 16.24 -3.39
CA ARG A 40 -39.74 15.73 -3.35
C ARG A 40 -40.63 16.48 -4.34
N LYS A 41 -40.46 17.82 -4.45
CA LYS A 41 -41.26 18.64 -5.36
C LYS A 41 -40.81 18.48 -6.81
N TYR A 42 -39.63 17.93 -7.01
CA TYR A 42 -39.01 17.85 -8.35
C TYR A 42 -38.29 16.51 -8.44
N PRO A 43 -39.01 15.41 -8.23
CA PRO A 43 -38.37 14.11 -8.05
C PRO A 43 -37.60 13.56 -9.24
N GLN A 44 -37.56 14.24 -10.40
CA GLN A 44 -36.73 13.85 -11.54
C GLN A 44 -35.60 14.83 -11.82
N SER A 45 -35.44 15.85 -11.00
CA SER A 45 -34.41 16.85 -11.24
C SER A 45 -33.05 16.24 -10.98
N PRO A 46 -32.19 16.11 -11.98
CA PRO A 46 -30.84 15.59 -11.70
C PRO A 46 -30.00 16.58 -10.87
N ARG A 47 -30.21 17.89 -11.02
CA ARG A 47 -29.45 18.84 -10.19
C ARG A 47 -29.85 18.74 -8.73
N ALA A 48 -31.15 18.73 -8.44
CA ALA A 48 -31.55 18.60 -7.03
C ALA A 48 -30.97 17.33 -6.40
N ARG A 49 -30.91 16.24 -7.17
CA ARG A 49 -30.42 14.99 -6.59
C ARG A 49 -28.91 15.03 -6.38
N TYR A 50 -28.18 15.60 -7.34
CA TYR A 50 -26.77 15.89 -7.13
C TYR A 50 -26.60 16.80 -5.91
N GLY A 51 -27.51 17.76 -5.72
CA GLY A 51 -27.45 18.62 -4.56
C GLY A 51 -27.57 17.83 -3.27
N LYS A 52 -28.57 16.97 -3.20
CA LYS A 52 -28.70 16.09 -2.04
C LYS A 52 -27.43 15.28 -1.81
N ALA A 53 -26.84 14.74 -2.89
CA ALA A 53 -25.67 13.89 -2.75
C ALA A 53 -24.46 14.68 -2.25
N GLN A 54 -24.20 15.81 -2.89
CA GLN A 54 -23.09 16.67 -2.51
C GLN A 54 -23.21 17.09 -1.05
N CYS A 55 -24.42 17.45 -0.62
CA CYS A 55 -24.40 17.84 0.78
C CYS A 55 -24.37 16.62 1.71
N GLU A 56 -24.85 15.42 1.36
CA GLU A 56 -24.51 14.25 2.18
C GLU A 56 -23.00 14.10 2.27
N ASP A 57 -22.27 14.36 1.18
CA ASP A 57 -20.82 14.20 1.21
C ASP A 57 -20.16 15.21 2.16
N ASP A 58 -20.51 16.48 2.01
CA ASP A 58 -19.99 17.50 2.91
C ASP A 58 -20.33 17.21 4.35
N LEU A 59 -21.44 16.53 4.60
CA LEU A 59 -21.81 16.22 5.98
C LEU A 59 -21.04 15.02 6.48
N ALA A 60 -20.66 14.09 5.61
CA ALA A 60 -19.74 13.06 6.09
C ALA A 60 -18.42 13.70 6.51
N GLU A 61 -18.01 14.76 5.81
CA GLU A 61 -16.83 15.50 6.26
C GLU A 61 -17.12 16.28 7.54
N LYS A 62 -18.26 16.94 7.62
CA LYS A 62 -18.71 17.65 8.83
C LYS A 62 -18.58 16.79 10.12
N ARG A 63 -19.22 15.64 10.06
CA ARG A 63 -19.31 14.71 11.21
C ARG A 63 -18.16 13.71 11.24
N ARG A 64 -17.42 13.60 10.13
CA ARG A 64 -16.43 12.53 9.94
C ARG A 64 -17.08 11.17 10.09
N SER A 65 -18.34 11.08 9.67
CA SER A 65 -19.03 9.81 9.67
C SER A 65 -18.90 9.12 8.31
N ASN A 66 -18.84 7.78 8.36
CA ASN A 66 -18.90 7.04 7.11
C ASN A 66 -20.31 6.49 6.84
N GLU A 67 -21.26 6.57 7.77
CA GLU A 67 -22.71 6.41 7.56
C GLU A 67 -23.17 7.29 6.41
N VAL A 68 -22.90 8.55 6.75
CA VAL A 68 -23.27 9.67 5.87
C VAL A 68 -22.82 9.35 4.45
N LEU A 69 -21.52 9.07 4.30
CA LEU A 69 -20.95 8.79 2.98
C LEU A 69 -21.59 7.56 2.33
N ARG A 70 -21.83 6.51 3.11
CA ARG A 70 -22.62 5.39 2.64
C ARG A 70 -23.88 5.87 1.93
N GLY A 71 -24.52 6.90 2.51
CA GLY A 71 -25.78 7.39 1.94
C GLY A 71 -25.58 8.24 0.70
N ALA A 72 -24.63 9.16 0.76
CA ALA A 72 -24.31 9.98 -0.41
C ALA A 72 -23.97 9.10 -1.62
N ILE A 73 -23.46 7.89 -1.40
CA ILE A 73 -23.11 7.03 -2.54
C ILE A 73 -24.37 6.53 -3.25
N GLU A 74 -25.37 6.05 -2.48
CA GLU A 74 -26.57 5.63 -3.20
C GLU A 74 -27.21 6.85 -3.87
N THR A 75 -27.10 8.02 -3.25
CA THR A 75 -27.69 9.20 -3.90
C THR A 75 -26.92 9.58 -5.17
N TYR A 76 -25.60 9.38 -5.17
CA TYR A 76 -24.83 9.62 -6.39
C TYR A 76 -25.25 8.64 -7.48
N GLN A 77 -25.57 7.40 -7.12
CA GLN A 77 -26.18 6.53 -8.11
C GLN A 77 -27.58 7.03 -8.50
N GLU A 78 -28.35 7.52 -7.52
CA GLU A 78 -29.67 8.05 -7.81
C GLU A 78 -29.62 9.01 -8.98
N VAL A 79 -28.65 9.92 -8.94
CA VAL A 79 -28.59 10.94 -9.98
C VAL A 79 -28.51 10.30 -11.35
N ALA A 80 -27.85 9.16 -11.47
CA ALA A 80 -27.72 8.52 -12.79
C ALA A 80 -28.93 7.68 -13.17
N SER A 81 -29.75 7.34 -12.18
CA SER A 81 -31.06 6.78 -12.48
C SER A 81 -31.87 7.71 -13.36
N LEU A 82 -31.77 9.02 -13.16
CA LEU A 82 -32.78 9.93 -13.67
C LEU A 82 -32.74 10.15 -15.18
N PRO A 83 -33.83 10.68 -15.72
CA PRO A 83 -33.87 11.05 -17.13
C PRO A 83 -33.09 12.30 -17.42
N ASP A 84 -32.60 12.33 -18.66
CA ASP A 84 -32.02 13.52 -19.25
C ASP A 84 -31.06 14.18 -18.26
N VAL A 85 -30.10 13.39 -17.82
CA VAL A 85 -29.02 13.91 -17.00
C VAL A 85 -27.98 14.45 -17.97
N PRO A 86 -27.64 15.73 -17.89
CA PRO A 86 -26.51 16.26 -18.66
C PRO A 86 -25.26 15.42 -18.46
N ALA A 87 -24.54 15.17 -19.53
CA ALA A 87 -23.40 14.27 -19.43
C ALA A 87 -22.39 14.77 -18.42
N ASP A 88 -22.18 16.07 -18.37
CA ASP A 88 -21.20 16.57 -17.42
C ASP A 88 -21.57 16.14 -16.01
N LEU A 89 -22.82 16.38 -15.62
CA LEU A 89 -23.31 16.04 -14.28
C LEU A 89 -23.27 14.53 -14.05
N LEU A 90 -23.54 13.77 -15.11
CA LEU A 90 -23.45 12.33 -15.08
C LEU A 90 -22.03 11.87 -14.72
N LYS A 91 -21.06 12.27 -15.54
CA LYS A 91 -19.66 11.97 -15.24
C LYS A 91 -19.29 12.34 -13.82
N LEU A 92 -19.59 13.57 -13.40
CA LEU A 92 -19.19 13.99 -12.06
C LEU A 92 -19.81 13.11 -10.98
N SER A 93 -21.12 12.87 -11.07
CA SER A 93 -21.80 12.12 -10.02
C SER A 93 -21.21 10.72 -9.88
N LEU A 94 -20.96 10.04 -10.99
CA LEU A 94 -20.45 8.69 -10.85
C LEU A 94 -18.96 8.64 -10.50
N LYS A 95 -18.18 9.60 -10.97
CA LYS A 95 -16.79 9.65 -10.55
C LYS A 95 -16.72 9.79 -9.03
N ARG A 96 -17.43 10.78 -8.48
CA ARG A 96 -17.48 10.95 -7.03
C ARG A 96 -17.94 9.67 -6.34
N ARG A 97 -18.97 9.01 -6.86
CA ARG A 97 -19.40 7.76 -6.25
C ARG A 97 -18.22 6.79 -6.13
N SER A 98 -17.48 6.57 -7.22
CA SER A 98 -16.30 5.70 -7.20
C SER A 98 -15.23 6.20 -6.22
N ASP A 99 -14.96 7.50 -6.23
CA ASP A 99 -13.88 8.00 -5.40
C ASP A 99 -14.16 7.78 -3.91
N ARG A 100 -15.39 8.06 -3.49
CA ARG A 100 -15.78 7.86 -2.10
C ARG A 100 -16.02 6.40 -1.76
N GLN A 101 -16.29 5.54 -2.77
CA GLN A 101 -16.28 4.10 -2.51
C GLN A 101 -14.86 3.60 -2.28
N GLN A 102 -13.87 4.31 -2.80
CA GLN A 102 -12.49 3.96 -2.45
C GLN A 102 -12.07 4.57 -1.11
N PHE A 103 -12.49 5.81 -0.83
CA PHE A 103 -12.21 6.44 0.47
C PHE A 103 -12.73 5.59 1.61
N LEU A 104 -13.77 4.80 1.37
CA LEU A 104 -14.32 3.91 2.37
C LEU A 104 -13.79 2.50 2.26
N GLY A 105 -13.09 2.20 1.18
CA GLY A 105 -12.51 0.89 1.06
C GLY A 105 -13.35 -0.11 0.32
N HIS A 106 -14.39 0.31 -0.37
CA HIS A 106 -15.20 -0.62 -1.17
C HIS A 106 -14.66 -0.55 -2.58
N MET A 107 -13.84 -1.54 -2.94
CA MET A 107 -13.21 -1.54 -4.26
C MET A 107 -14.01 -2.33 -5.24
N ARG A 108 -14.52 -3.49 -4.84
CA ARG A 108 -15.36 -4.25 -5.75
C ARG A 108 -16.46 -3.39 -6.35
N GLY A 109 -16.99 -2.43 -5.60
CA GLY A 109 -18.09 -1.65 -6.12
C GLY A 109 -17.61 -0.54 -7.00
N SER A 110 -16.70 0.27 -6.47
CA SER A 110 -15.99 1.23 -7.30
C SER A 110 -15.62 0.62 -8.66
N LEU A 111 -15.32 -0.66 -8.70
CA LEU A 111 -14.95 -1.25 -9.98
C LEU A 111 -16.11 -1.21 -10.94
N LEU A 112 -17.31 -1.48 -10.44
CA LEU A 112 -18.48 -1.53 -11.33
C LEU A 112 -18.96 -0.13 -11.69
N THR A 113 -18.92 0.79 -10.72
CA THR A 113 -19.11 2.20 -11.04
C THR A 113 -18.19 2.61 -12.18
N LEU A 114 -16.90 2.29 -12.08
CA LEU A 114 -15.98 2.77 -13.11
C LEU A 114 -16.20 2.03 -14.42
N GLN A 115 -16.53 0.73 -14.39
CA GLN A 115 -16.84 0.03 -15.64
C GLN A 115 -18.01 0.72 -16.34
N ARG A 116 -19.02 1.13 -15.56
CA ARG A 116 -20.18 1.76 -16.13
C ARG A 116 -19.84 3.14 -16.69
N LEU A 117 -18.97 3.87 -15.99
CA LEU A 117 -18.48 5.16 -16.49
C LEU A 117 -17.77 4.99 -17.84
N VAL A 118 -17.02 3.90 -18.02
CA VAL A 118 -16.31 3.72 -19.28
C VAL A 118 -17.25 3.29 -20.38
N GLN A 119 -18.24 2.45 -20.06
CA GLN A 119 -19.32 2.18 -21.01
C GLN A 119 -19.96 3.48 -21.48
N LEU A 120 -20.29 4.38 -20.54
CA LEU A 120 -21.08 5.57 -20.87
C LEU A 120 -20.26 6.64 -21.57
N PHE A 121 -18.94 6.56 -21.50
CA PHE A 121 -18.07 7.61 -22.02
C PHE A 121 -16.88 6.96 -22.69
N PRO A 122 -17.13 6.22 -23.77
CA PRO A 122 -16.09 5.34 -24.33
C PRO A 122 -14.95 6.07 -24.99
N ASN A 123 -15.02 7.40 -25.15
CA ASN A 123 -13.88 8.11 -25.71
C ASN A 123 -13.07 8.87 -24.67
N ASP A 124 -13.47 8.85 -23.39
CA ASP A 124 -12.68 9.51 -22.35
C ASP A 124 -11.55 8.58 -21.96
N THR A 125 -10.31 9.00 -22.15
CA THR A 125 -9.17 8.16 -21.76
C THR A 125 -8.95 8.16 -20.25
N SER A 126 -9.25 9.27 -19.57
CA SER A 126 -9.06 9.34 -18.12
C SER A 126 -9.90 8.30 -17.40
N LEU A 127 -11.12 8.08 -17.86
CA LEU A 127 -11.93 7.04 -17.23
C LEU A 127 -11.27 5.70 -17.39
N LYS A 128 -10.69 5.41 -18.56
CA LYS A 128 -10.06 4.09 -18.69
C LYS A 128 -8.84 3.99 -17.80
N ASN A 129 -8.13 5.10 -17.60
CA ASN A 129 -7.06 5.12 -16.61
C ASN A 129 -7.60 4.77 -15.21
N ASP A 130 -8.58 5.57 -14.73
CA ASP A 130 -9.15 5.41 -13.39
C ASP A 130 -9.74 4.01 -13.21
N LEU A 131 -10.16 3.37 -14.31
CA LEU A 131 -10.58 1.98 -14.26
C LEU A 131 -9.39 1.03 -14.07
N GLY A 132 -8.29 1.26 -14.80
CA GLY A 132 -7.10 0.46 -14.52
C GLY A 132 -6.68 0.54 -13.06
N VAL A 133 -6.89 1.71 -12.47
CA VAL A 133 -6.59 1.88 -11.05
C VAL A 133 -7.51 1.02 -10.19
N GLY A 134 -8.83 1.17 -10.40
CA GLY A 134 -9.78 0.35 -9.69
C GLY A 134 -9.47 -1.14 -9.79
N TYR A 135 -8.91 -1.57 -10.93
CA TYR A 135 -8.53 -2.97 -11.07
C TYR A 135 -7.29 -3.27 -10.23
N LEU A 136 -6.38 -2.32 -10.11
CA LEU A 136 -5.20 -2.58 -9.28
C LEU A 136 -5.53 -2.57 -7.78
N LEU A 137 -6.60 -1.90 -7.37
CA LEU A 137 -6.90 -1.82 -5.94
C LEU A 137 -7.36 -3.17 -5.43
N ILE A 138 -7.93 -3.99 -6.30
CA ILE A 138 -8.36 -5.31 -5.87
C ILE A 138 -7.33 -6.38 -6.13
N GLY A 139 -6.24 -6.02 -6.78
CA GLY A 139 -5.21 -6.97 -7.13
C GLY A 139 -5.46 -7.70 -8.43
N ASP A 140 -6.27 -7.14 -9.32
CA ASP A 140 -6.60 -7.80 -10.58
C ASP A 140 -5.69 -7.27 -11.69
N ASN A 141 -4.44 -7.71 -11.63
CA ASN A 141 -3.44 -7.00 -12.40
C ASN A 141 -3.55 -7.29 -13.89
N ASP A 142 -4.00 -8.48 -14.27
CA ASP A 142 -4.19 -8.77 -15.69
C ASP A 142 -5.14 -7.76 -16.35
N ASN A 143 -6.33 -7.56 -15.78
CA ASN A 143 -7.31 -6.69 -16.42
C ASN A 143 -6.84 -5.24 -16.44
N ALA A 144 -6.26 -4.76 -15.33
CA ALA A 144 -5.64 -3.45 -15.37
C ALA A 144 -4.71 -3.34 -16.58
N LYS A 145 -3.85 -4.34 -16.76
CA LYS A 145 -2.87 -4.33 -17.84
C LYS A 145 -3.57 -4.10 -19.17
N LYS A 146 -4.55 -4.95 -19.48
CA LYS A 146 -5.32 -4.75 -20.72
C LYS A 146 -5.88 -3.34 -20.82
N VAL A 147 -6.38 -2.80 -19.72
CA VAL A 147 -6.98 -1.49 -19.80
C VAL A 147 -5.95 -0.49 -20.26
N TYR A 148 -4.75 -0.59 -19.68
CA TYR A 148 -3.68 0.32 -20.03
C TYR A 148 -3.16 0.02 -21.43
N GLU A 149 -3.33 -1.21 -21.90
CA GLU A 149 -2.94 -1.53 -23.27
C GLU A 149 -3.88 -0.87 -24.26
N GLU A 150 -5.20 -0.99 -24.07
CA GLU A 150 -6.13 -0.18 -24.83
C GLU A 150 -5.72 1.28 -24.80
N VAL A 151 -5.70 1.89 -23.61
CA VAL A 151 -5.37 3.32 -23.50
C VAL A 151 -4.17 3.67 -24.38
N LEU A 152 -3.07 2.91 -24.25
CA LEU A 152 -1.84 3.23 -24.98
C LEU A 152 -1.97 2.96 -26.47
N SER A 153 -2.73 1.92 -26.83
CA SER A 153 -3.26 1.59 -28.16
C SER A 153 -3.77 2.83 -28.87
N VAL A 154 -4.36 3.74 -28.08
CA VAL A 154 -5.01 4.91 -28.65
C VAL A 154 -4.49 6.23 -28.13
N THR A 155 -3.69 6.27 -27.07
CA THR A 155 -2.98 7.52 -26.83
C THR A 155 -1.69 7.22 -26.08
N PRO A 156 -0.76 6.94 -27.00
CA PRO A 156 0.51 6.32 -26.60
C PRO A 156 1.42 7.24 -25.81
N ASN A 157 1.24 8.56 -25.90
CA ASN A 157 2.00 9.46 -25.04
C ASN A 157 1.21 9.89 -23.82
N ASP A 158 0.29 9.04 -23.36
CA ASP A 158 -0.39 9.27 -22.10
C ASP A 158 0.53 8.73 -21.02
N GLY A 159 1.05 9.64 -20.17
CA GLY A 159 2.06 9.25 -19.20
C GLY A 159 1.50 8.47 -18.03
N PHE A 160 0.32 8.84 -17.56
CA PHE A 160 -0.36 8.05 -16.54
C PHE A 160 -0.39 6.59 -16.93
N ALA A 161 -0.93 6.30 -18.11
CA ALA A 161 -1.02 4.90 -18.48
C ALA A 161 0.35 4.29 -18.63
N LYS A 162 1.33 5.08 -19.05
CA LYS A 162 2.69 4.55 -19.15
C LYS A 162 3.15 4.07 -17.79
N VAL A 163 3.17 4.96 -16.79
CA VAL A 163 3.70 4.58 -15.50
C VAL A 163 2.94 3.39 -14.97
N HIS A 164 1.61 3.38 -15.10
CA HIS A 164 0.88 2.22 -14.57
C HIS A 164 1.16 0.95 -15.39
N TYR A 165 1.36 1.07 -16.69
CA TYR A 165 1.77 -0.09 -17.45
C TYR A 165 3.13 -0.57 -16.96
N GLY A 166 4.02 0.38 -16.68
CA GLY A 166 5.34 0.03 -16.19
C GLY A 166 5.28 -0.68 -14.86
N PHE A 167 4.59 -0.06 -13.89
CA PHE A 167 4.42 -0.66 -12.56
C PHE A 167 3.89 -2.08 -12.68
N ILE A 168 2.93 -2.30 -13.59
CA ILE A 168 2.40 -3.65 -13.79
C ILE A 168 3.48 -4.57 -14.33
N LEU A 169 4.18 -4.14 -15.38
CA LEU A 169 5.22 -5.00 -15.95
C LEU A 169 6.25 -5.37 -14.90
N LYS A 170 6.76 -4.37 -14.17
CA LYS A 170 7.73 -4.65 -13.13
C LYS A 170 7.19 -5.72 -12.18
N ALA A 171 5.98 -5.48 -11.63
CA ALA A 171 5.45 -6.41 -10.62
C ALA A 171 5.38 -7.82 -11.17
N GLN A 172 5.28 -7.97 -12.49
CA GLN A 172 5.40 -9.28 -13.17
C GLN A 172 6.83 -9.70 -13.53
N ASN A 173 7.87 -9.01 -13.04
CA ASN A 173 9.25 -9.41 -13.29
C ASN A 173 9.68 -9.15 -14.73
N LYS A 174 8.98 -8.26 -15.43
CA LYS A 174 9.38 -7.81 -16.75
C LYS A 174 10.22 -6.54 -16.57
N ILE A 175 11.40 -6.74 -15.97
CA ILE A 175 12.15 -5.61 -15.42
C ILE A 175 12.57 -4.64 -16.53
N ALA A 176 13.31 -5.16 -17.52
CA ALA A 176 13.69 -4.38 -18.67
C ALA A 176 12.47 -3.71 -19.32
N GLU A 177 11.47 -4.51 -19.72
CA GLU A 177 10.36 -3.95 -20.50
C GLU A 177 9.69 -2.80 -19.77
N SER A 178 9.73 -2.83 -18.44
CA SER A 178 9.07 -1.86 -17.58
C SER A 178 9.85 -0.59 -17.45
N ILE A 179 11.16 -0.65 -17.65
CA ILE A 179 11.97 0.54 -17.47
C ILE A 179 11.55 1.71 -18.34
N PRO A 180 11.36 1.49 -19.69
CA PRO A 180 11.06 2.68 -20.53
C PRO A 180 9.70 3.30 -20.25
N TYR A 181 8.71 2.47 -19.94
CA TYR A 181 7.40 2.99 -19.56
C TYR A 181 7.48 3.81 -18.28
N LEU A 182 8.17 3.28 -17.26
CA LEU A 182 8.30 4.04 -16.01
C LEU A 182 8.96 5.38 -16.27
N LYS A 183 10.08 5.36 -17.00
CA LYS A 183 10.84 6.59 -17.22
C LYS A 183 10.03 7.61 -18.03
N GLU A 184 9.44 7.15 -19.13
CA GLU A 184 8.68 8.04 -19.97
C GLU A 184 7.49 8.59 -19.19
N GLY A 185 6.81 7.74 -18.41
CA GLY A 185 5.67 8.20 -17.65
C GLY A 185 6.06 9.30 -16.72
N ILE A 186 7.10 9.08 -15.94
CA ILE A 186 7.53 10.09 -14.97
C ILE A 186 7.87 11.42 -15.66
N GLU A 187 8.68 11.35 -16.75
CA GLU A 187 9.16 12.64 -17.26
C GLU A 187 8.08 13.34 -17.97
N SER A 188 7.10 12.60 -18.60
CA SER A 188 5.89 13.16 -19.13
C SER A 188 5.34 14.24 -18.18
N GLY A 189 5.47 14.06 -16.86
CA GLY A 189 5.10 15.08 -15.89
C GLY A 189 3.60 15.32 -15.83
N ASP A 190 2.84 14.41 -16.46
CA ASP A 190 1.38 14.46 -16.48
C ASP A 190 0.78 14.38 -15.08
N PRO A 191 -0.50 14.67 -14.93
CA PRO A 191 -1.20 14.35 -13.67
C PRO A 191 -1.17 12.85 -13.44
N GLY A 192 -0.80 12.47 -12.22
CA GLY A 192 -0.73 11.09 -11.82
C GLY A 192 0.63 10.45 -11.91
N THR A 193 1.61 11.09 -12.54
CA THR A 193 2.89 10.43 -12.72
C THR A 193 3.94 10.86 -11.70
N ASP A 194 3.67 11.88 -10.87
CA ASP A 194 4.59 12.28 -9.81
C ASP A 194 4.19 11.53 -8.54
N ASP A 195 4.67 10.27 -8.46
CA ASP A 195 4.26 9.33 -7.43
C ASP A 195 5.43 8.45 -7.02
N GLY A 196 5.64 8.35 -5.70
CA GLY A 196 6.80 7.65 -5.17
C GLY A 196 6.93 6.23 -5.67
N ARG A 197 5.81 5.56 -5.93
CA ARG A 197 5.88 4.17 -6.34
C ARG A 197 6.67 4.03 -7.63
N PHE A 198 6.46 4.95 -8.57
CA PHE A 198 7.07 4.85 -9.88
C PHE A 198 8.56 5.13 -9.82
N TYR A 199 8.94 6.15 -9.05
CA TYR A 199 10.37 6.36 -8.77
C TYR A 199 11.01 5.14 -8.10
N PHE A 200 10.42 4.69 -6.97
CA PHE A 200 10.92 3.52 -6.25
C PHE A 200 11.19 2.35 -7.19
N HIS A 201 10.20 1.99 -8.00
CA HIS A 201 10.30 0.78 -8.80
C HIS A 201 11.13 0.95 -10.08
N LEU A 202 11.18 2.15 -10.66
CA LEU A 202 12.11 2.41 -11.76
C LEU A 202 13.56 2.24 -11.29
N GLY A 203 13.86 2.81 -10.11
CA GLY A 203 15.21 2.65 -9.57
C GLY A 203 15.55 1.20 -9.31
N ASP A 204 14.62 0.47 -8.67
CA ASP A 204 14.87 -0.95 -8.39
C ASP A 204 15.15 -1.71 -9.70
N ALA A 205 14.30 -1.49 -10.72
CA ALA A 205 14.50 -2.10 -12.03
C ALA A 205 15.88 -1.84 -12.60
N MET A 206 16.35 -0.60 -12.51
CA MET A 206 17.71 -0.34 -12.96
C MET A 206 18.75 -1.10 -12.12
N GLN A 207 18.69 -1.01 -10.79
CA GLN A 207 19.70 -1.73 -10.00
C GLN A 207 19.72 -3.19 -10.43
N ARG A 208 18.57 -3.71 -10.84
CA ARG A 208 18.55 -5.15 -11.13
C ARG A 208 19.23 -5.43 -12.43
N VAL A 209 19.10 -4.52 -13.38
CA VAL A 209 19.66 -4.77 -14.71
C VAL A 209 21.11 -4.36 -14.80
N GLY A 210 21.62 -3.66 -13.81
CA GLY A 210 22.97 -3.18 -13.84
C GLY A 210 23.17 -1.80 -14.39
N ASN A 211 22.12 -0.97 -14.42
CA ASN A 211 22.24 0.41 -14.88
C ASN A 211 22.45 1.32 -13.69
N LYS A 212 23.34 2.32 -13.86
CA LYS A 212 23.97 3.03 -12.76
C LYS A 212 23.25 4.30 -12.34
N GLU A 213 22.46 4.95 -13.21
CA GLU A 213 21.83 6.13 -12.60
C GLU A 213 20.41 5.84 -12.11
N ALA A 214 20.25 4.61 -11.60
CA ALA A 214 19.15 4.33 -10.70
C ALA A 214 19.14 5.34 -9.55
N TYR A 215 20.31 5.64 -9.10
CA TYR A 215 20.44 6.55 -8.04
C TYR A 215 20.05 7.97 -8.39
N LYS A 216 20.12 8.30 -9.66
CA LYS A 216 19.58 9.43 -10.36
C LYS A 216 18.22 9.74 -9.77
N TRP A 217 17.45 8.71 -10.13
CA TRP A 217 16.05 8.62 -9.90
C TRP A 217 15.75 8.67 -8.43
N TYR A 218 16.48 7.93 -7.63
CA TYR A 218 16.22 7.94 -6.20
C TYR A 218 16.40 9.34 -5.63
N GLU A 219 17.47 10.03 -6.03
CA GLU A 219 17.66 11.38 -5.46
C GLU A 219 16.61 12.34 -5.99
N LEU A 220 16.13 12.19 -7.23
CA LEU A 220 15.06 13.08 -7.65
C LEU A 220 13.80 12.84 -6.82
N GLY A 221 13.38 11.59 -6.64
CA GLY A 221 12.27 11.31 -5.76
C GLY A 221 12.45 11.96 -4.40
N HIS A 222 13.69 11.90 -3.84
CA HIS A 222 14.03 12.70 -2.67
C HIS A 222 13.67 14.17 -2.88
N LYS A 223 14.01 14.70 -4.07
CA LYS A 223 13.73 16.10 -4.40
C LYS A 223 12.25 16.39 -4.28
N ARG A 224 11.39 15.48 -4.77
CA ARG A 224 9.96 15.74 -4.87
C ARG A 224 9.16 15.12 -3.73
N GLY A 225 9.78 14.93 -2.57
CA GLY A 225 9.06 14.64 -1.34
C GLY A 225 8.62 13.20 -1.08
N HIS A 226 8.88 12.29 -2.02
CA HIS A 226 8.41 10.90 -1.87
C HIS A 226 9.24 10.15 -0.82
N PHE A 227 10.56 10.19 -0.96
CA PHE A 227 11.51 9.47 -0.11
C PHE A 227 12.09 10.38 0.96
N ALA A 228 12.12 9.91 2.22
CA ALA A 228 12.80 10.68 3.25
C ALA A 228 14.26 10.96 2.90
N SER A 229 14.93 10.04 2.18
CA SER A 229 16.32 10.22 1.76
C SER A 229 16.56 9.41 0.50
N VAL A 230 17.82 9.33 0.06
CA VAL A 230 18.14 8.51 -1.12
C VAL A 230 18.24 7.02 -0.76
N TRP A 231 18.75 6.70 0.45
CA TRP A 231 18.86 5.33 0.93
C TRP A 231 17.57 4.85 1.60
N GLN A 232 16.91 5.70 2.40
CA GLN A 232 15.68 5.31 3.08
C GLN A 232 14.51 5.64 2.17
N ARG A 233 13.89 4.61 1.58
CA ARG A 233 12.97 4.79 0.47
C ARG A 233 11.58 4.22 0.78
N SER A 234 11.22 4.12 2.05
CA SER A 234 9.88 3.63 2.34
C SER A 234 8.87 4.69 1.96
N LEU A 235 7.60 4.28 1.97
CA LEU A 235 6.52 5.07 1.40
C LEU A 235 5.32 5.25 2.31
N TYR A 236 5.15 4.41 3.34
CA TYR A 236 4.08 4.55 4.33
C TYR A 236 4.78 4.95 5.62
N ASN A 237 5.08 6.25 5.72
CA ASN A 237 6.00 6.78 6.72
C ASN A 237 5.22 7.61 7.75
N VAL A 238 5.89 7.88 8.86
CA VAL A 238 5.46 8.86 9.86
C VAL A 238 6.65 9.81 10.01
N ASN A 239 6.56 11.00 9.43
CA ASN A 239 7.76 11.83 9.27
C ASN A 239 8.40 12.14 10.63
N GLY A 240 9.74 12.22 10.61
CA GLY A 240 10.53 12.66 11.75
C GLY A 240 10.89 11.61 12.78
N LEU A 241 10.49 10.36 12.55
CA LEU A 241 10.99 9.25 13.35
C LEU A 241 12.49 9.11 13.13
N LYS A 242 13.24 8.89 14.21
CA LYS A 242 14.68 8.74 14.06
C LYS A 242 14.99 7.67 13.03
N ALA A 243 15.80 8.02 12.03
CA ALA A 243 16.13 7.13 10.93
C ALA A 243 17.61 6.75 10.98
N GLN A 244 17.89 5.45 11.15
CA GLN A 244 19.27 5.02 11.04
C GLN A 244 19.33 3.55 10.73
N PRO A 245 20.20 3.13 9.81
CA PRO A 245 20.14 1.74 9.30
C PRO A 245 20.25 0.70 10.40
N TRP A 246 21.11 0.97 11.38
CA TRP A 246 21.50 0.00 12.39
C TRP A 246 21.27 0.60 13.76
N TRP A 247 20.56 -0.13 14.60
CA TRP A 247 20.38 0.24 15.99
C TRP A 247 20.97 -0.83 16.90
N THR A 248 21.12 -0.45 18.16
CA THR A 248 21.54 -1.33 19.23
C THR A 248 20.37 -1.55 20.17
N PRO A 249 20.38 -2.66 20.90
CA PRO A 249 19.28 -2.91 21.83
C PRO A 249 18.99 -1.71 22.72
N LYS A 250 20.04 -1.06 23.25
CA LYS A 250 19.81 0.11 24.10
C LYS A 250 19.07 1.19 23.33
N GLU A 251 19.52 1.50 22.10
CA GLU A 251 18.93 2.58 21.30
C GLU A 251 17.43 2.39 21.11
N THR A 252 16.91 1.17 21.24
CA THR A 252 15.48 0.91 21.05
C THR A 252 14.68 0.80 22.35
N GLY A 253 15.35 0.66 23.50
CA GLY A 253 14.67 0.42 24.78
C GLY A 253 13.84 -0.86 24.91
N TYR A 254 13.89 -1.75 23.92
CA TYR A 254 13.15 -2.99 23.97
C TYR A 254 13.93 -4.11 24.64
N THR A 255 14.74 -3.76 25.62
CA THR A 255 15.84 -4.61 26.07
C THR A 255 15.33 -5.89 26.71
N GLU A 256 14.17 -5.84 27.35
CA GLU A 256 13.61 -7.07 27.90
C GLU A 256 13.38 -8.08 26.78
N LEU A 257 13.03 -7.60 25.58
CA LEU A 257 12.73 -8.52 24.49
C LEU A 257 14.01 -9.16 23.98
N VAL A 258 14.96 -8.33 23.55
CA VAL A 258 16.28 -8.80 23.17
C VAL A 258 16.77 -9.85 24.14
N LYS A 259 16.68 -9.55 25.45
CA LYS A 259 17.17 -10.49 26.46
C LYS A 259 16.41 -11.80 26.40
N SER A 260 15.10 -11.73 26.34
CA SER A 260 14.28 -12.93 26.28
C SER A 260 14.51 -13.73 25.00
N LEU A 261 14.96 -13.05 23.94
CA LEU A 261 15.28 -13.75 22.73
C LEU A 261 16.63 -14.40 22.84
N GLU A 262 17.61 -13.69 23.40
CA GLU A 262 18.95 -14.23 23.44
C GLU A 262 19.04 -15.32 24.48
N ARG A 263 18.36 -15.15 25.59
CA ARG A 263 18.50 -16.14 26.65
C ARG A 263 17.80 -17.44 26.26
N ASN A 264 16.72 -17.35 25.50
CA ASN A 264 15.88 -18.49 25.18
C ASN A 264 16.07 -18.96 23.75
N TRP A 265 17.15 -18.51 23.09
CA TRP A 265 17.24 -18.72 21.67
C TRP A 265 17.27 -20.19 21.25
N LYS A 266 17.80 -21.11 22.06
CA LYS A 266 17.87 -22.52 21.63
C LYS A 266 16.47 -23.16 21.55
N LEU A 267 15.57 -22.79 22.45
CA LEU A 267 14.17 -23.14 22.32
C LEU A 267 13.60 -22.72 20.97
N ILE A 268 13.81 -21.46 20.60
CA ILE A 268 13.32 -20.90 19.35
C ILE A 268 13.90 -21.66 18.16
N ARG A 269 15.21 -21.80 18.15
CA ARG A 269 15.85 -22.60 17.12
C ARG A 269 15.21 -23.97 17.01
N ASP A 270 15.12 -24.68 18.12
CA ASP A 270 14.75 -26.08 18.10
C ASP A 270 13.32 -26.23 17.60
N GLU A 271 12.45 -25.27 17.91
CA GLU A 271 11.08 -25.34 17.39
C GLU A 271 11.06 -25.11 15.88
N GLY A 272 11.89 -24.19 15.40
CA GLY A 272 12.00 -24.03 13.98
C GLY A 272 12.54 -25.29 13.31
N LEU A 273 13.56 -25.87 13.90
CA LEU A 273 14.14 -27.07 13.32
C LEU A 273 13.12 -28.18 13.25
N ALA A 274 12.31 -28.30 14.27
CA ALA A 274 11.26 -29.29 14.18
C ALA A 274 10.37 -28.97 13.00
N VAL A 275 9.98 -27.70 12.86
CA VAL A 275 9.07 -27.42 11.76
C VAL A 275 9.76 -27.71 10.43
N MET A 276 11.06 -27.55 10.36
CA MET A 276 11.71 -27.89 9.10
C MET A 276 11.83 -29.41 8.89
N ASP A 277 11.84 -30.22 9.94
CA ASP A 277 11.94 -31.67 9.75
C ASP A 277 10.59 -32.35 9.51
N LYS A 278 9.56 -31.96 10.30
CA LYS A 278 8.27 -32.67 10.28
C LYS A 278 7.11 -31.88 9.71
N ALA A 279 7.30 -30.61 9.37
CA ALA A 279 6.18 -29.76 9.01
C ALA A 279 6.70 -28.67 8.07
N LYS A 280 7.47 -29.10 7.04
CA LYS A 280 8.25 -28.18 6.21
C LYS A 280 7.36 -27.35 5.30
N GLY A 281 6.10 -27.75 5.14
CA GLY A 281 5.19 -26.94 4.38
C GLY A 281 4.80 -25.64 5.06
N LEU A 282 4.90 -25.57 6.38
CA LEU A 282 4.59 -24.30 7.06
C LEU A 282 5.56 -23.22 6.64
N PHE A 283 6.73 -23.62 6.12
CA PHE A 283 7.68 -22.65 5.58
C PHE A 283 7.33 -22.39 4.12
N LEU A 284 6.99 -21.11 3.78
CA LEU A 284 6.55 -20.78 2.43
C LEU A 284 7.50 -19.82 1.74
N PRO A 285 7.76 -20.08 0.45
CA PRO A 285 8.78 -19.30 -0.25
C PRO A 285 8.38 -17.83 -0.30
N GLU A 286 9.38 -16.99 -0.48
CA GLU A 286 9.17 -15.56 -0.62
C GLU A 286 8.50 -15.28 -1.96
N ASP A 287 7.32 -14.65 -1.92
CA ASP A 287 6.51 -14.33 -3.10
C ASP A 287 6.38 -12.81 -3.31
N GLU A 288 7.48 -12.09 -3.12
CA GLU A 288 7.50 -10.67 -3.39
C GLU A 288 8.53 -10.31 -4.45
N ASN A 289 9.15 -11.31 -5.07
CA ASN A 289 10.06 -11.13 -6.20
C ASN A 289 11.32 -10.35 -5.81
N LEU A 290 11.87 -10.68 -4.64
CA LEU A 290 13.02 -9.97 -4.09
C LEU A 290 14.34 -10.68 -4.33
N ARG A 291 14.32 -11.86 -4.93
CA ARG A 291 15.51 -12.65 -5.17
C ARG A 291 15.96 -12.53 -6.61
N GLU A 292 17.28 -12.35 -6.78
CA GLU A 292 17.90 -12.70 -8.05
C GLU A 292 17.83 -14.20 -8.27
N LYS A 293 18.39 -14.97 -7.33
CA LYS A 293 18.47 -16.42 -7.44
C LYS A 293 18.41 -17.00 -6.04
N GLY A 294 18.07 -18.27 -5.95
CA GLY A 294 18.29 -18.97 -4.71
C GLY A 294 16.99 -19.46 -4.10
N ASP A 295 17.12 -19.99 -2.88
CA ASP A 295 15.99 -20.56 -2.14
C ASP A 295 15.84 -19.89 -0.77
N TRP A 296 14.66 -19.30 -0.52
CA TRP A 296 14.36 -18.53 0.68
C TRP A 296 12.92 -18.83 1.03
N SER A 297 12.68 -19.14 2.31
CA SER A 297 11.33 -19.49 2.76
C SER A 297 11.08 -18.94 4.17
N GLN A 298 9.79 -18.74 4.47
CA GLN A 298 9.43 -18.06 5.72
C GLN A 298 8.24 -18.71 6.39
N PHE A 299 8.40 -18.90 7.69
CA PHE A 299 7.45 -19.58 8.55
C PHE A 299 6.92 -18.48 9.48
N THR A 300 5.71 -18.02 9.21
CA THR A 300 5.20 -16.81 9.84
C THR A 300 4.26 -17.12 10.99
N LEU A 301 4.59 -16.57 12.17
CA LEU A 301 3.81 -16.68 13.40
C LEU A 301 2.89 -15.49 13.65
N TRP A 302 3.33 -14.24 13.37
CA TRP A 302 2.50 -13.05 13.50
C TRP A 302 2.65 -12.21 12.24
N GLN A 303 1.54 -11.76 11.67
CA GLN A 303 1.53 -10.80 10.57
C GLN A 303 0.50 -9.73 10.90
N GLN A 304 0.86 -8.47 10.70
CA GLN A 304 -0.09 -7.39 10.92
C GLN A 304 -0.67 -7.47 12.33
N GLY A 305 0.10 -8.04 13.26
CA GLY A 305 -0.32 -8.06 14.64
C GLY A 305 -1.31 -9.14 15.01
N ARG A 306 -1.67 -10.01 14.06
CA ARG A 306 -2.59 -11.08 14.41
C ARG A 306 -1.78 -12.36 14.47
N ARG A 307 -1.96 -13.02 15.58
CA ARG A 307 -1.35 -14.30 15.78
C ARG A 307 -1.99 -15.31 14.84
N ASN A 308 -1.16 -16.19 14.30
CA ASN A 308 -1.57 -17.29 13.45
C ASN A 308 -1.61 -18.52 14.33
N GLU A 309 -2.80 -18.91 14.77
CA GLU A 309 -2.93 -19.98 15.74
C GLU A 309 -2.47 -21.32 15.14
N ASN A 310 -2.88 -21.64 13.92
CA ASN A 310 -2.36 -22.88 13.38
C ASN A 310 -0.83 -22.80 13.31
N ALA A 311 -0.27 -21.62 13.08
CA ALA A 311 1.17 -21.53 12.86
C ALA A 311 1.92 -21.76 14.16
N CYS A 312 1.40 -21.18 15.24
CA CYS A 312 2.00 -21.37 16.56
C CYS A 312 1.86 -22.81 17.05
N LYS A 313 0.98 -23.62 16.45
CA LYS A 313 1.03 -25.05 16.74
C LYS A 313 2.46 -25.61 16.62
N GLY A 314 3.21 -25.16 15.63
CA GLY A 314 4.52 -25.74 15.43
C GLY A 314 5.62 -25.06 16.14
N ALA A 315 5.34 -23.92 16.76
CA ALA A 315 6.31 -23.21 17.62
C ALA A 315 5.61 -22.68 18.88
N PRO A 316 4.99 -23.58 19.67
CA PRO A 316 4.16 -23.09 20.78
C PRO A 316 4.93 -22.38 21.88
N LYS A 317 6.11 -22.87 22.23
CA LYS A 317 6.82 -22.25 23.33
C LYS A 317 7.33 -20.89 22.92
N THR A 318 7.73 -20.76 21.66
CA THR A 318 8.17 -19.47 21.13
C THR A 318 7.02 -18.49 21.13
N CYS A 319 5.86 -18.90 20.62
CA CYS A 319 4.72 -17.97 20.57
C CYS A 319 4.29 -17.57 21.96
N THR A 320 4.33 -18.52 22.89
CA THR A 320 4.05 -18.24 24.29
C THR A 320 5.05 -17.25 24.88
N LEU A 321 6.34 -17.40 24.55
CA LEU A 321 7.33 -16.46 25.06
C LEU A 321 7.12 -15.05 24.50
N LEU A 322 6.72 -14.95 23.24
CA LEU A 322 6.53 -13.64 22.65
C LEU A 322 5.26 -12.95 23.14
N GLU A 323 4.25 -13.72 23.55
CA GLU A 323 2.99 -13.08 23.96
C GLU A 323 3.23 -11.97 24.99
N LYS A 324 4.30 -12.07 25.77
CA LYS A 324 4.53 -11.15 26.85
C LYS A 324 5.24 -9.91 26.38
N PHE A 325 5.37 -9.73 25.05
CA PHE A 325 5.96 -8.51 24.51
C PHE A 325 5.11 -7.83 23.43
N PRO A 326 4.06 -7.12 23.80
CA PRO A 326 3.20 -6.50 22.77
C PRO A 326 3.92 -5.55 21.83
N GLU A 327 5.14 -5.09 22.15
CA GLU A 327 5.81 -4.18 21.22
C GLU A 327 6.14 -4.83 19.88
N THR A 328 6.07 -6.17 19.78
CA THR A 328 6.14 -6.87 18.51
C THR A 328 4.82 -7.54 18.14
N THR A 329 4.18 -8.26 19.07
CA THR A 329 2.94 -8.97 18.73
C THR A 329 1.82 -8.03 18.25
N GLY A 330 1.90 -6.73 18.58
CA GLY A 330 0.92 -5.77 18.08
C GLY A 330 1.56 -4.71 17.22
N CYS A 331 2.62 -5.11 16.55
CA CYS A 331 3.17 -4.34 15.46
C CYS A 331 2.40 -4.72 14.23
N ARG A 332 1.26 -4.08 14.05
CA ARG A 332 0.49 -4.21 12.84
C ARG A 332 1.21 -3.67 11.59
N ARG A 333 2.49 -3.36 11.69
CA ARG A 333 3.30 -3.00 10.54
C ARG A 333 4.50 -3.91 10.43
N GLY A 334 4.36 -5.11 10.95
CA GLY A 334 5.49 -6.01 10.91
C GLY A 334 5.01 -7.42 11.10
N GLN A 335 5.98 -8.32 11.24
CA GLN A 335 5.72 -9.73 11.43
C GLN A 335 6.71 -10.29 12.44
N ILE A 336 6.42 -11.54 12.84
CA ILE A 336 7.33 -12.42 13.57
C ILE A 336 7.40 -13.76 12.82
N LYS A 337 8.60 -14.17 12.42
CA LYS A 337 8.68 -15.30 11.50
C LYS A 337 10.08 -15.91 11.47
N TYR A 338 10.15 -17.23 11.24
CA TYR A 338 11.40 -17.92 10.91
C TYR A 338 11.72 -17.64 9.44
N SER A 339 13.00 -17.54 9.13
CA SER A 339 13.40 -17.29 7.77
C SER A 339 14.58 -18.18 7.49
N ILE A 340 14.40 -19.11 6.57
CA ILE A 340 15.44 -20.02 6.14
C ILE A 340 15.93 -19.55 4.78
N MET A 341 17.24 -19.49 4.62
CA MET A 341 17.87 -19.14 3.36
C MET A 341 18.95 -20.16 3.08
N HIS A 342 18.91 -20.70 1.91
CA HIS A 342 19.81 -21.75 1.53
C HIS A 342 20.93 -21.18 0.69
N PRO A 343 21.98 -21.96 0.43
CA PRO A 343 23.10 -21.43 -0.35
C PRO A 343 22.71 -21.19 -1.79
N GLY A 344 23.44 -20.27 -2.40
CA GLY A 344 23.20 -19.84 -3.75
C GLY A 344 22.26 -18.67 -3.89
N THR A 345 21.92 -17.99 -2.79
CA THR A 345 20.82 -17.05 -2.79
C THR A 345 21.35 -15.62 -2.74
N HIS A 346 20.79 -14.75 -3.60
CA HIS A 346 21.07 -13.32 -3.61
C HIS A 346 19.74 -12.59 -3.55
N VAL A 347 19.57 -11.68 -2.59
CA VAL A 347 18.38 -10.86 -2.54
C VAL A 347 18.74 -9.48 -3.06
N TRP A 348 18.06 -9.07 -4.11
CA TRP A 348 18.26 -7.76 -4.69
C TRP A 348 18.24 -6.72 -3.59
N PRO A 349 18.97 -5.64 -3.79
CA PRO A 349 18.71 -4.44 -2.98
C PRO A 349 17.22 -4.15 -3.00
N HIS A 350 16.72 -3.78 -1.83
CA HIS A 350 15.32 -3.45 -1.70
C HIS A 350 15.09 -2.77 -0.35
N THR A 351 13.82 -2.43 -0.12
CA THR A 351 13.37 -1.56 0.95
C THR A 351 11.97 -1.98 1.36
N GLY A 352 11.71 -1.98 2.66
CA GLY A 352 10.40 -2.33 3.17
C GLY A 352 9.42 -1.20 2.96
N PRO A 353 8.16 -1.45 3.32
CA PRO A 353 7.13 -0.45 3.02
C PRO A 353 7.11 0.71 3.99
N THR A 354 7.88 0.64 5.08
CA THR A 354 7.54 1.50 6.21
C THR A 354 8.72 1.71 7.15
N ASN A 355 8.85 2.95 7.59
CA ASN A 355 9.84 3.34 8.60
C ASN A 355 9.29 3.26 10.00
N CYS A 356 8.04 2.80 10.14
CA CYS A 356 7.30 2.59 11.38
C CYS A 356 7.73 1.36 12.17
N ARG A 357 8.71 0.62 11.68
CA ARG A 357 9.07 -0.61 12.33
C ARG A 357 10.57 -0.70 12.29
N LEU A 358 11.10 -1.34 13.30
CA LEU A 358 12.46 -1.82 13.34
C LEU A 358 12.39 -3.33 13.30
N ARG A 359 13.43 -3.93 12.76
CA ARG A 359 13.44 -5.36 12.43
C ARG A 359 14.58 -6.01 13.18
N MET A 360 14.25 -7.02 13.98
CA MET A 360 15.19 -7.75 14.82
C MET A 360 15.42 -9.15 14.24
N HIS A 361 16.68 -9.54 14.12
CA HIS A 361 17.09 -10.84 13.57
C HIS A 361 17.83 -11.60 14.66
N LEU A 362 17.28 -12.74 15.10
CA LEU A 362 18.01 -13.58 16.02
C LEU A 362 18.60 -14.76 15.27
N GLY A 363 19.92 -14.81 15.35
CA GLY A 363 20.67 -15.89 14.76
C GLY A 363 20.26 -17.19 15.34
N LEU A 364 19.72 -18.14 14.55
CA LEU A 364 19.48 -19.49 15.03
C LEU A 364 20.51 -20.48 14.49
N VAL A 365 20.60 -20.65 13.18
CA VAL A 365 21.57 -21.57 12.60
C VAL A 365 22.35 -20.75 11.58
N ILE A 366 23.57 -20.37 11.92
CA ILE A 366 24.34 -19.46 11.09
C ILE A 366 25.66 -20.13 10.72
N PRO A 367 25.94 -20.36 9.43
CA PRO A 367 27.22 -20.97 9.08
C PRO A 367 28.39 -20.07 9.38
N LYS A 368 29.55 -20.72 9.47
CA LYS A 368 30.83 -20.07 9.65
C LYS A 368 31.01 -18.94 8.67
N GLU A 369 30.75 -19.20 7.38
CA GLU A 369 30.86 -18.16 6.37
C GLU A 369 29.65 -18.07 5.45
N GLY A 370 29.74 -17.25 4.38
CA GLY A 370 28.76 -17.22 3.30
C GLY A 370 27.61 -16.26 3.49
N CYS A 371 27.30 -15.91 4.72
CA CYS A 371 26.03 -15.30 5.04
C CYS A 371 26.27 -13.87 5.45
N LYS A 372 25.77 -12.93 4.68
CA LYS A 372 26.00 -11.54 5.06
C LYS A 372 24.86 -10.66 4.55
N ILE A 373 24.69 -9.54 5.24
CA ILE A 373 23.64 -8.59 4.90
C ILE A 373 24.19 -7.18 4.96
N ARG A 374 24.10 -6.47 3.85
CA ARG A 374 24.35 -5.04 3.86
C ARG A 374 23.07 -4.27 4.10
N CYS A 375 23.18 -3.24 4.92
CA CYS A 375 22.17 -2.18 5.03
C CYS A 375 22.90 -0.85 4.88
N ALA A 376 22.37 0.02 4.02
CA ALA A 376 23.06 1.27 3.67
C ALA A 376 24.44 0.86 3.16
N ASN A 377 25.54 1.41 3.70
CA ASN A 377 26.89 1.02 3.33
C ASN A 377 27.52 -0.01 4.26
N GLU A 378 26.93 -0.31 5.44
CA GLU A 378 27.55 -1.21 6.43
C GLU A 378 27.04 -2.65 6.24
N THR A 379 27.98 -3.58 6.04
CA THR A 379 27.71 -5.00 5.83
C THR A 379 27.97 -5.74 7.14
N LYS A 380 27.06 -6.64 7.52
CA LYS A 380 27.13 -7.33 8.82
C LYS A 380 26.82 -8.82 8.70
N THR A 381 26.86 -9.51 9.85
CA THR A 381 26.93 -10.92 10.04
C THR A 381 25.96 -11.33 11.10
N TRP A 382 25.31 -12.53 10.94
CA TRP A 382 24.48 -13.01 12.01
C TRP A 382 25.33 -13.78 12.99
N GLU A 383 24.82 -13.96 14.21
CA GLU A 383 25.50 -14.84 15.18
C GLU A 383 24.50 -15.68 15.93
N GLU A 384 24.83 -16.96 16.12
CA GLU A 384 23.88 -17.87 16.77
C GLU A 384 23.58 -17.36 18.18
N GLY A 385 22.30 -17.21 18.49
CA GLY A 385 21.88 -16.73 19.78
C GLY A 385 21.97 -15.24 19.99
N LYS A 386 22.49 -14.46 19.03
CA LYS A 386 22.52 -13.01 19.21
C LYS A 386 21.50 -12.33 18.30
N VAL A 387 21.20 -11.07 18.62
CA VAL A 387 20.22 -10.29 17.89
C VAL A 387 20.90 -9.13 17.19
N LEU A 388 20.67 -9.00 15.88
CA LEU A 388 20.94 -7.78 15.11
C LEU A 388 19.64 -7.00 14.98
N ILE A 389 19.76 -5.70 14.66
CA ILE A 389 18.62 -4.80 14.50
C ILE A 389 18.89 -3.87 13.32
N PHE A 390 17.86 -3.59 12.51
CA PHE A 390 18.04 -2.52 11.53
C PHE A 390 16.68 -1.96 11.09
N ASP A 391 16.74 -0.81 10.38
CA ASP A 391 15.58 -0.15 9.77
C ASP A 391 15.48 -0.65 8.33
N ASP A 392 14.61 -1.64 8.11
CA ASP A 392 14.49 -2.20 6.77
C ASP A 392 13.84 -1.23 5.83
N SER A 393 13.41 -0.06 6.35
CA SER A 393 13.05 1.06 5.50
C SER A 393 14.24 1.56 4.68
N PHE A 394 15.46 1.24 5.09
CA PHE A 394 16.61 1.56 4.26
C PHE A 394 16.89 0.46 3.24
N GLU A 395 17.56 0.84 2.17
CA GLU A 395 18.06 -0.14 1.23
C GLU A 395 18.84 -1.19 2.00
N HIS A 396 18.69 -2.44 1.58
CA HIS A 396 19.48 -3.52 2.15
C HIS A 396 19.44 -4.71 1.19
N GLU A 397 20.53 -5.51 1.28
CA GLU A 397 20.89 -6.56 0.33
C GLU A 397 21.46 -7.72 1.15
N VAL A 398 21.30 -8.94 0.63
CA VAL A 398 21.68 -10.13 1.37
C VAL A 398 22.31 -11.14 0.42
N TRP A 399 23.33 -11.85 0.92
CA TRP A 399 23.89 -12.99 0.23
C TRP A 399 23.97 -14.21 1.16
N GLN A 400 23.94 -15.39 0.53
CA GLN A 400 24.00 -16.67 1.19
C GLN A 400 24.83 -17.60 0.33
N ASP A 401 26.13 -17.56 0.49
CA ASP A 401 27.05 -18.41 -0.23
C ASP A 401 27.78 -19.45 0.64
N ALA A 402 27.12 -19.96 1.66
CA ALA A 402 27.72 -20.94 2.54
C ALA A 402 27.59 -22.39 1.99
N SER A 403 27.86 -23.41 2.78
CA SER A 403 27.62 -24.73 2.23
C SER A 403 26.52 -25.51 2.92
N SER A 404 25.72 -24.83 3.71
CA SER A 404 24.58 -25.42 4.37
C SER A 404 23.54 -24.29 4.70
N PHE A 405 22.45 -24.61 5.36
CA PHE A 405 21.40 -23.61 5.47
C PHE A 405 21.67 -22.59 6.57
N ARG A 406 20.89 -21.51 6.51
CA ARG A 406 20.98 -20.37 7.42
C ARG A 406 19.58 -20.04 7.92
N LEU A 407 19.34 -20.25 9.21
CA LEU A 407 18.06 -19.97 9.83
C LEU A 407 18.20 -18.77 10.77
N ILE A 408 17.34 -17.78 10.57
CA ILE A 408 17.24 -16.66 11.49
C ILE A 408 15.78 -16.56 11.91
N PHE A 409 15.54 -15.77 12.95
CA PHE A 409 14.21 -15.48 13.46
C PHE A 409 14.04 -13.97 13.42
N ILE A 410 13.01 -13.48 12.75
CA ILE A 410 12.74 -12.08 12.50
C ILE A 410 11.63 -11.65 13.45
N VAL A 411 11.88 -10.59 14.22
CA VAL A 411 10.86 -10.02 15.10
C VAL A 411 10.83 -8.53 14.83
N ASP A 412 9.69 -8.04 14.35
CA ASP A 412 9.51 -6.61 14.10
C ASP A 412 8.94 -5.91 15.32
N VAL A 413 9.44 -4.70 15.57
CA VAL A 413 8.92 -3.87 16.65
C VAL A 413 8.52 -2.52 16.12
N TRP A 414 7.42 -1.97 16.66
CA TRP A 414 7.11 -0.56 16.51
C TRP A 414 8.39 0.23 16.62
N HIS A 415 8.50 1.29 15.85
CA HIS A 415 9.59 2.22 16.07
C HIS A 415 9.45 2.80 17.48
N PRO A 416 10.56 3.05 18.18
CA PRO A 416 10.42 3.43 19.62
C PRO A 416 9.73 4.76 19.86
N GLU A 417 9.92 5.77 18.99
CA GLU A 417 9.34 7.11 19.15
C GLU A 417 7.87 7.18 18.76
N LEU A 418 7.11 6.09 18.71
CA LEU A 418 5.73 6.09 18.19
C LEU A 418 4.76 5.95 19.36
N THR A 419 3.78 6.85 19.43
CA THR A 419 2.84 6.94 20.52
C THR A 419 1.99 5.68 20.66
N PRO A 420 1.38 5.46 21.83
CA PRO A 420 0.32 4.42 21.89
C PRO A 420 -0.86 4.76 21.00
N GLN A 421 -1.10 6.04 20.77
CA GLN A 421 -2.10 6.46 19.79
C GLN A 421 -1.70 6.02 18.37
N GLN A 422 -0.49 6.41 17.92
CA GLN A 422 -0.01 5.99 16.59
C GLN A 422 -0.03 4.47 16.47
N ARG A 423 0.26 3.77 17.58
CA ARG A 423 0.35 2.31 17.56
C ARG A 423 -1.02 1.66 17.39
N ARG A 424 -2.05 2.22 18.05
CA ARG A 424 -3.39 1.66 17.95
C ARG A 424 -4.07 2.08 16.65
N SER A 425 -3.58 3.17 16.00
CA SER A 425 -4.32 3.82 14.92
C SER A 425 -3.80 3.49 13.53
N LEU A 426 -2.50 3.67 13.26
CA LEU A 426 -1.93 3.44 11.92
C LEU A 426 -2.55 2.22 11.22
N PRO A 427 -2.90 2.36 9.95
CA PRO A 427 -3.46 1.21 9.24
C PRO A 427 -2.39 0.13 9.06
N ALA A 428 -2.83 -1.11 9.20
CA ALA A 428 -1.92 -2.25 9.21
C ALA A 428 -1.21 -2.41 7.88
N ILE A 429 0.00 -3.00 7.94
CA ILE A 429 0.72 -3.27 6.71
C ILE A 429 1.48 -4.62 6.73
N GLY B 14 -3.07 -9.85 -1.54
CA GLY B 14 -1.63 -9.62 -1.63
C GLY B 14 -1.10 -8.54 -0.69
N LYS B 15 -0.12 -8.86 0.13
CA LYS B 15 0.37 -7.92 1.14
C LYS B 15 1.87 -7.64 0.99
N CYS B 16 2.22 -6.47 1.51
CA CYS B 16 3.58 -5.94 1.58
C CYS B 16 4.16 -6.38 2.89
N LYS B 17 4.94 -7.44 2.82
CA LYS B 17 5.63 -7.92 3.99
C LYS B 17 7.05 -7.39 4.08
N ASP B 18 7.93 -7.79 3.17
CA ASP B 18 9.28 -7.35 3.15
C ASP B 18 9.61 -6.36 2.12
N GLY B 19 8.73 -5.89 1.15
CA GLY B 19 9.02 -4.92 0.10
C GLY B 19 7.78 -4.19 -0.24
N LEU B 20 7.70 -3.68 -1.47
CA LEU B 20 6.63 -2.74 -1.80
C LEU B 20 6.00 -3.05 -3.15
N GLY B 21 5.59 -4.32 -3.34
CA GLY B 21 5.22 -4.80 -4.66
C GLY B 21 3.82 -4.46 -5.06
N GLU B 22 2.90 -4.38 -4.12
CA GLU B 22 1.52 -4.20 -4.44
C GLU B 22 1.27 -2.73 -4.70
N TYR B 23 0.21 -2.47 -5.47
CA TYR B 23 -0.08 -1.08 -5.82
C TYR B 23 -0.33 -0.29 -4.56
N THR B 24 -1.09 -0.84 -3.65
CA THR B 24 -1.37 -0.20 -2.37
C THR B 24 -1.13 -1.24 -1.27
N CYS B 25 -0.39 -0.86 -0.22
CA CYS B 25 0.03 -1.75 0.86
C CYS B 25 -0.92 -1.68 2.06
N THR B 26 -1.82 -0.70 2.10
CA THR B 26 -2.82 -0.63 3.14
C THR B 26 -4.16 -0.90 2.50
N SER B 27 -5.14 -1.27 3.30
CA SER B 27 -6.50 -1.38 2.74
C SER B 27 -7.41 -0.41 3.52
N LEU B 28 -7.65 0.72 2.86
CA LEU B 28 -8.53 1.77 3.41
C LEU B 28 -9.90 1.23 3.81
N GLU B 29 -10.44 1.80 4.91
CA GLU B 29 -11.78 1.41 5.36
C GLU B 29 -12.67 2.61 5.76
N GLY B 30 -12.08 3.74 6.13
CA GLY B 30 -12.91 4.89 6.45
C GLY B 30 -12.24 6.11 7.02
N PHE B 31 -12.89 6.77 7.98
CA PHE B 31 -12.31 7.94 8.63
C PHE B 31 -11.56 7.57 9.91
MN MN C . 14.59 -7.21 3.37
BR BR D . -39.82 16.48 -11.66
C1 GOL E . -17.84 10.05 -24.75
O1 GOL E . -17.58 8.70 -24.96
C2 GOL E . -16.51 10.75 -24.34
O2 GOL E . -15.95 11.46 -25.42
C3 GOL E . -16.96 11.65 -23.17
O3 GOL E . -15.84 12.43 -22.73
H11 GOL E . -18.51 10.20 -24.07
H12 GOL E . -18.20 10.47 -25.55
HO1 GOL E . -17.71 8.55 -25.79
H2 GOL E . -15.85 10.10 -24.06
HO2 GOL E . -15.45 12.07 -25.10
H31 GOL E . -17.31 11.10 -22.47
H32 GOL E . -17.70 12.21 -23.45
HO3 GOL E . -16.09 13.25 -22.75
C UQK F . 16.22 -12.73 5.47
CB UQK F . 16.50 -11.50 3.54
CA UQK F . 16.66 -11.44 5.04
C03 UQK F . 17.96 -11.48 5.77
C05 UQK F . 15.54 -9.24 5.05
C07 UQK F . 14.63 -8.45 5.88
N UQK F . 15.82 -10.49 5.63
O06 UQK F . 15.94 -8.84 4.04
O08 UQK F . 14.30 -8.86 7.02
O09 UQK F . 14.11 -7.41 5.46
OXT UQK F . 15.18 -13.02 6.03
O UQK F . 16.84 -13.76 5.30
HB1 UQK F . 16.49 -12.54 3.22
HB3 UQK F . 17.34 -10.99 3.06
HB2 UQK F . 15.58 -11.04 3.23
H031 UQK F . 18.62 -12.19 5.31
H032 UQK F . 17.77 -11.76 6.81
H033 UQK F . 18.40 -10.49 5.76
H UQK F . 15.39 -10.71 6.51
#